data_9U7M
#
_entry.id   9U7M
#
_entity_poly.entity_id   1
_entity_poly.type   'polypeptide(L)'
_entity_poly.pdbx_seq_one_letter_code
;VAIALKAAHYHTHKE
;
_entity_poly.pdbx_strand_id   A
#
# COMPACT_ATOMS: atom_id res chain seq x y z
N VAL A 1 0.41 0.91 11.49
CA VAL A 1 0.02 -0.49 11.55
C VAL A 1 -0.53 -0.97 10.21
N ALA A 2 -1.17 -0.06 9.48
CA ALA A 2 -1.74 -0.39 8.18
C ALA A 2 -0.68 -0.95 7.24
N ILE A 3 -0.71 -2.25 7.01
CA ILE A 3 0.26 -2.90 6.13
C ILE A 3 0.13 -2.37 4.71
N ALA A 4 1.22 -1.81 4.20
CA ALA A 4 1.24 -1.27 2.84
C ALA A 4 2.30 -1.96 2.00
N LEU A 5 1.86 -2.59 0.91
CA LEU A 5 2.77 -3.29 0.01
C LEU A 5 3.56 -2.30 -0.85
N LYS A 6 4.87 -2.29 -0.68
CA LYS A 6 5.73 -1.40 -1.45
C LYS A 6 5.66 -1.72 -2.94
N ALA A 7 5.87 -2.98 -3.29
CA ALA A 7 5.82 -3.42 -4.68
C ALA A 7 4.38 -3.47 -5.18
N ALA A 8 3.44 -3.51 -4.26
CA ALA A 8 2.02 -3.57 -4.61
C ALA A 8 1.25 -2.41 -3.99
N HIS A 9 1.48 -1.21 -4.53
CA HIS A 9 0.81 -0.01 -4.03
C HIS A 9 -0.71 -0.15 -4.15
N TYR A 10 -1.35 -0.56 -3.06
CA TYR A 10 -2.80 -0.74 -3.05
C TYR A 10 -3.45 0.20 -2.05
N HIS A 11 -2.65 0.72 -1.13
CA HIS A 11 -3.15 1.63 -0.10
C HIS A 11 -2.37 2.94 -0.11
N THR A 12 -1.05 2.84 -0.32
CA THR A 12 -0.20 4.01 -0.35
C THR A 12 -0.49 4.88 -1.58
N HIS A 13 -0.61 4.24 -2.73
CA HIS A 13 -0.91 4.96 -3.96
C HIS A 13 -2.37 4.77 -4.38
N LYS A 14 -2.93 3.62 -4.02
CA LYS A 14 -4.32 3.31 -4.35
C LYS A 14 -5.23 3.60 -3.16
N GLU A 15 -6.19 4.49 -3.36
CA GLU A 15 -7.13 4.85 -2.30
C GLU A 15 -8.34 3.91 -2.30
N VAL A 1 -3.60 -1.08 6.02
CA VAL A 1 -2.95 -0.10 6.89
C VAL A 1 -1.84 -0.75 7.69
N ALA A 2 -1.99 -2.04 8.01
CA ALA A 2 -1.00 -2.77 8.77
C ALA A 2 0.12 -3.28 7.87
N ILE A 3 -0.23 -4.16 6.94
CA ILE A 3 0.74 -4.72 6.01
C ILE A 3 1.37 -3.63 5.14
N ALA A 4 2.68 -3.49 5.24
CA ALA A 4 3.40 -2.49 4.45
C ALA A 4 3.92 -3.09 3.14
N LEU A 5 3.48 -2.53 2.02
CA LEU A 5 3.90 -3.00 0.71
C LEU A 5 5.21 -2.35 0.29
N LYS A 6 6.22 -3.17 0.07
CA LYS A 6 7.53 -2.67 -0.35
C LYS A 6 7.40 -1.68 -1.49
N ALA A 7 7.12 -2.20 -2.68
CA ALA A 7 6.97 -1.35 -3.87
C ALA A 7 5.59 -1.53 -4.48
N ALA A 8 4.63 -1.97 -3.66
CA ALA A 8 3.26 -2.17 -4.13
C ALA A 8 2.35 -1.04 -3.67
N HIS A 9 1.76 -0.34 -4.63
CA HIS A 9 0.86 0.76 -4.33
C HIS A 9 -0.54 0.25 -4.01
N TYR A 10 -0.84 0.12 -2.72
CA TYR A 10 -2.15 -0.36 -2.29
C TYR A 10 -2.90 0.73 -1.52
N HIS A 11 -2.17 1.72 -1.05
CA HIS A 11 -2.77 2.83 -0.31
C HIS A 11 -2.41 4.17 -0.95
N THR A 12 -1.21 4.27 -1.47
CA THR A 12 -0.75 5.51 -2.11
C THR A 12 -1.44 5.73 -3.44
N HIS A 13 -1.56 4.66 -4.23
CA HIS A 13 -2.21 4.73 -5.54
C HIS A 13 -3.70 4.42 -5.41
N LYS A 14 -4.01 3.39 -4.63
CA LYS A 14 -5.40 2.98 -4.43
C LYS A 14 -6.16 4.01 -3.59
N GLU A 15 -5.47 4.60 -2.63
CA GLU A 15 -6.07 5.59 -1.75
C GLU A 15 -5.34 6.93 -1.86
N VAL A 1 2.97 2.62 6.44
CA VAL A 1 1.52 2.68 6.23
C VAL A 1 1.03 1.47 5.45
N ALA A 2 1.91 0.90 4.63
CA ALA A 2 1.56 -0.26 3.82
C ALA A 2 1.12 -1.42 4.71
N ILE A 3 -0.12 -1.87 4.50
CA ILE A 3 -0.66 -2.98 5.27
C ILE A 3 0.29 -4.18 5.27
N ALA A 4 0.35 -4.86 4.14
CA ALA A 4 1.22 -6.02 4.00
C ALA A 4 2.26 -5.81 2.91
N LEU A 5 1.83 -5.19 1.81
CA LEU A 5 2.73 -4.92 0.69
C LEU A 5 4.03 -4.29 1.17
N LYS A 6 5.13 -5.00 0.98
CA LYS A 6 6.45 -4.51 1.39
C LYS A 6 6.62 -3.05 1.01
N ALA A 7 6.91 -2.80 -0.27
CA ALA A 7 7.11 -1.44 -0.76
C ALA A 7 6.12 -1.13 -1.87
N ALA A 8 4.90 -1.64 -1.75
CA ALA A 8 3.87 -1.41 -2.75
C ALA A 8 2.66 -0.73 -2.13
N HIS A 9 2.33 0.46 -2.63
CA HIS A 9 1.19 1.22 -2.13
C HIS A 9 -0.08 0.87 -2.89
N TYR A 10 -0.85 -0.06 -2.35
CA TYR A 10 -2.10 -0.50 -2.98
C TYR A 10 -3.30 0.02 -2.21
N HIS A 11 -3.09 0.39 -0.95
CA HIS A 11 -4.16 0.89 -0.10
C HIS A 11 -3.79 2.26 0.47
N THR A 12 -2.51 2.45 0.79
CA THR A 12 -2.04 3.71 1.35
C THR A 12 -2.08 4.82 0.31
N HIS A 13 -1.64 4.51 -0.91
CA HIS A 13 -1.62 5.48 -2.00
C HIS A 13 -2.92 5.39 -2.82
N LYS A 14 -3.31 4.17 -3.15
CA LYS A 14 -4.52 3.95 -3.94
C LYS A 14 -5.76 4.36 -3.15
N GLU A 15 -5.72 4.14 -1.84
CA GLU A 15 -6.84 4.50 -0.98
C GLU A 15 -6.42 5.50 0.09
N VAL A 1 -4.82 -4.65 10.94
CA VAL A 1 -3.35 -4.63 10.90
C VAL A 1 -2.84 -3.65 9.85
N ALA A 2 -1.88 -2.82 10.25
CA ALA A 2 -1.31 -1.83 9.34
C ALA A 2 -0.14 -2.43 8.56
N ILE A 3 -0.32 -2.56 7.26
CA ILE A 3 0.72 -3.11 6.39
C ILE A 3 1.13 -2.11 5.31
N ALA A 4 2.42 -1.77 5.30
CA ALA A 4 2.94 -0.83 4.32
C ALA A 4 3.60 -1.55 3.15
N LEU A 5 2.77 -1.96 2.19
CA LEU A 5 3.27 -2.68 1.01
C LEU A 5 4.03 -1.74 0.09
N LYS A 6 5.32 -2.01 -0.08
CA LYS A 6 6.16 -1.18 -0.94
C LYS A 6 6.09 -1.66 -2.39
N ALA A 7 6.18 -2.97 -2.59
CA ALA A 7 6.12 -3.54 -3.93
C ALA A 7 4.67 -3.68 -4.40
N ALA A 8 3.74 -3.39 -3.50
CA ALA A 8 2.32 -3.48 -3.82
C ALA A 8 1.62 -2.14 -3.64
N HIS A 9 1.20 -1.53 -4.74
CA HIS A 9 0.51 -0.24 -4.69
C HIS A 9 -0.92 -0.41 -4.20
N TYR A 10 -1.14 -0.18 -2.91
CA TYR A 10 -2.47 -0.31 -2.34
C TYR A 10 -2.99 1.05 -1.86
N HIS A 11 -2.07 1.99 -1.68
CA HIS A 11 -2.44 3.33 -1.23
C HIS A 11 -1.93 4.39 -2.20
N THR A 12 -0.77 4.14 -2.80
CA THR A 12 -0.18 5.07 -3.75
C THR A 12 -0.93 5.05 -5.08
N HIS A 13 -1.28 3.84 -5.53
CA HIS A 13 -2.00 3.68 -6.79
C HIS A 13 -3.51 3.76 -6.57
N LYS A 14 -3.99 3.06 -5.55
CA LYS A 14 -5.41 3.05 -5.22
C LYS A 14 -5.95 4.47 -5.13
N GLU A 15 -5.63 5.14 -4.03
CA GLU A 15 -6.08 6.51 -3.82
C GLU A 15 -5.02 7.52 -4.23
N VAL A 1 4.36 -1.17 5.03
CA VAL A 1 4.33 0.11 5.75
C VAL A 1 2.91 0.48 6.13
N ALA A 2 1.95 0.10 5.29
CA ALA A 2 0.54 0.39 5.55
C ALA A 2 -0.17 -0.81 6.16
N ILE A 3 -0.46 -1.80 5.34
CA ILE A 3 -1.13 -3.01 5.80
C ILE A 3 -0.23 -4.22 5.70
N ALA A 4 -0.02 -4.71 4.48
CA ALA A 4 0.83 -5.86 4.24
C ALA A 4 1.99 -5.53 3.32
N LEU A 5 1.66 -4.93 2.17
CA LEU A 5 2.67 -4.54 1.20
C LEU A 5 3.81 -3.77 1.86
N LYS A 6 5.00 -4.37 1.87
CA LYS A 6 6.16 -3.73 2.48
C LYS A 6 6.28 -2.27 2.04
N ALA A 7 6.75 -2.07 0.81
CA ALA A 7 6.91 -0.73 0.26
C ALA A 7 6.10 -0.55 -1.01
N ALA A 8 4.95 -1.21 -1.06
CA ALA A 8 4.07 -1.12 -2.23
C ALA A 8 2.74 -0.47 -1.87
N HIS A 9 2.44 0.65 -2.53
CA HIS A 9 1.20 1.37 -2.28
C HIS A 9 0.06 0.81 -3.14
N TYR A 10 -0.72 -0.08 -2.56
CA TYR A 10 -1.85 -0.69 -3.27
C TYR A 10 -3.18 -0.19 -2.72
N HIS A 11 -3.15 0.35 -1.50
CA HIS A 11 -4.35 0.87 -0.87
C HIS A 11 -4.16 2.33 -0.45
N THR A 12 -2.95 2.67 -0.05
CA THR A 12 -2.64 4.04 0.38
C THR A 12 -2.60 4.99 -0.81
N HIS A 13 -1.97 4.54 -1.90
CA HIS A 13 -1.87 5.35 -3.11
C HIS A 13 -3.06 5.11 -4.02
N LYS A 14 -3.36 3.84 -4.28
CA LYS A 14 -4.47 3.48 -5.14
C LYS A 14 -5.76 4.19 -4.71
N GLU A 15 -5.87 4.46 -3.41
CA GLU A 15 -7.04 5.14 -2.87
C GLU A 15 -7.15 6.56 -3.42
N VAL A 1 -2.19 -5.41 12.49
CA VAL A 1 -1.63 -4.15 12.02
C VAL A 1 -1.87 -3.95 10.52
N ALA A 2 -2.00 -2.70 10.12
CA ALA A 2 -2.24 -2.37 8.71
C ALA A 2 -0.98 -2.58 7.88
N ILE A 3 -0.97 -3.65 7.09
CA ILE A 3 0.18 -3.96 6.24
C ILE A 3 0.42 -2.86 5.21
N ALA A 4 1.59 -2.25 5.26
CA ALA A 4 1.94 -1.20 4.32
C ALA A 4 2.76 -1.73 3.16
N LEU A 5 2.06 -2.19 2.12
CA LEU A 5 2.72 -2.74 0.94
C LEU A 5 3.44 -1.65 0.16
N LYS A 6 4.76 -1.79 0.03
CA LYS A 6 5.57 -0.82 -0.70
C LYS A 6 5.68 -1.19 -2.18
N ALA A 7 5.98 -2.46 -2.44
CA ALA A 7 6.11 -2.94 -3.81
C ALA A 7 4.75 -3.22 -4.42
N ALA A 8 3.71 -3.10 -3.61
CA ALA A 8 2.35 -3.34 -4.08
C ALA A 8 1.47 -2.11 -3.87
N HIS A 9 1.45 -1.23 -4.86
CA HIS A 9 0.65 0.00 -4.78
C HIS A 9 -0.82 -0.33 -4.59
N TYR A 10 -1.28 -0.30 -3.35
CA TYR A 10 -2.67 -0.60 -3.04
C TYR A 10 -3.37 0.62 -2.44
N HIS A 11 -2.58 1.58 -1.97
CA HIS A 11 -3.11 2.80 -1.37
C HIS A 11 -2.55 4.04 -2.06
N THR A 12 -1.28 3.97 -2.46
CA THR A 12 -0.64 5.08 -3.13
C THR A 12 -1.16 5.26 -4.54
N HIS A 13 -1.31 4.14 -5.26
CA HIS A 13 -1.80 4.18 -6.63
C HIS A 13 -3.33 4.10 -6.65
N LYS A 14 -3.88 3.16 -5.89
CA LYS A 14 -5.33 2.99 -5.82
C LYS A 14 -6.02 4.29 -5.42
N GLU A 15 -5.30 5.14 -4.71
CA GLU A 15 -5.84 6.42 -4.28
C GLU A 15 -6.44 7.19 -5.45
N VAL A 1 -2.13 0.17 6.91
CA VAL A 1 -1.54 -0.01 8.23
C VAL A 1 -1.45 -1.49 8.59
N ALA A 2 -2.37 -2.28 8.07
CA ALA A 2 -2.40 -3.72 8.33
C ALA A 2 -1.13 -4.39 7.81
N ILE A 3 -0.97 -4.41 6.49
CA ILE A 3 0.19 -5.03 5.87
C ILE A 3 0.97 -4.02 5.03
N ALA A 4 2.24 -3.82 5.37
CA ALA A 4 3.08 -2.88 4.64
C ALA A 4 3.54 -3.48 3.32
N LEU A 5 3.19 -2.80 2.22
CA LEU A 5 3.56 -3.26 0.89
C LEU A 5 4.92 -2.70 0.48
N LYS A 6 5.86 -3.59 0.22
CA LYS A 6 7.21 -3.18 -0.18
C LYS A 6 7.15 -2.12 -1.28
N ALA A 7 6.83 -2.55 -2.49
CA ALA A 7 6.74 -1.62 -3.63
C ALA A 7 5.34 -1.65 -4.23
N ALA A 8 4.36 -2.07 -3.45
CA ALA A 8 2.98 -2.14 -3.91
C ALA A 8 2.16 -0.97 -3.38
N HIS A 9 1.62 -0.18 -4.30
CA HIS A 9 0.81 0.98 -3.93
C HIS A 9 -0.62 0.58 -3.63
N TYR A 10 -0.93 0.39 -2.35
CA TYR A 10 -2.27 0.00 -1.94
C TYR A 10 -2.93 1.09 -1.10
N HIS A 11 -2.11 1.99 -0.58
CA HIS A 11 -2.61 3.08 0.24
C HIS A 11 -2.15 4.43 -0.32
N THR A 12 -0.91 4.48 -0.80
CA THR A 12 -0.35 5.71 -1.37
C THR A 12 -1.05 6.08 -2.67
N HIS A 13 -1.25 5.09 -3.54
CA HIS A 13 -1.89 5.32 -4.82
C HIS A 13 -3.32 4.77 -4.82
N LYS A 14 -3.55 3.74 -4.00
CA LYS A 14 -4.87 3.13 -3.90
C LYS A 14 -5.60 3.63 -2.65
N GLU A 15 -6.76 4.25 -2.86
CA GLU A 15 -7.55 4.77 -1.75
C GLU A 15 -8.34 3.65 -1.08
N VAL A 1 -4.47 -3.26 8.42
CA VAL A 1 -3.90 -1.92 8.43
C VAL A 1 -2.42 -1.96 8.79
N ALA A 2 -2.01 -3.01 9.48
CA ALA A 2 -0.61 -3.18 9.87
C ALA A 2 0.27 -3.48 8.66
N ILE A 3 -0.23 -4.34 7.77
CA ILE A 3 0.50 -4.71 6.58
C ILE A 3 0.76 -3.50 5.69
N ALA A 4 2.04 -3.22 5.45
CA ALA A 4 2.42 -2.09 4.60
C ALA A 4 3.22 -2.55 3.39
N LEU A 5 2.51 -2.86 2.31
CA LEU A 5 3.17 -3.31 1.08
C LEU A 5 3.81 -2.14 0.34
N LYS A 6 5.14 -2.19 0.22
CA LYS A 6 5.87 -1.13 -0.48
C LYS A 6 5.80 -1.33 -1.99
N ALA A 7 6.02 -2.55 -2.44
CA ALA A 7 5.99 -2.87 -3.87
C ALA A 7 4.55 -2.88 -4.38
N ALA A 8 3.60 -2.75 -3.46
CA ALA A 8 2.18 -2.74 -3.83
C ALA A 8 1.61 -1.33 -3.79
N HIS A 9 1.03 -0.90 -4.90
CA HIS A 9 0.45 0.44 -4.99
C HIS A 9 -0.88 0.50 -4.23
N TYR A 10 -1.22 -0.60 -3.57
CA TYR A 10 -2.46 -0.66 -2.81
C TYR A 10 -2.63 0.56 -1.92
N HIS A 11 -1.52 1.18 -1.55
CA HIS A 11 -1.54 2.37 -0.71
C HIS A 11 -0.87 3.55 -1.41
N THR A 12 0.35 3.32 -1.91
CA THR A 12 1.10 4.36 -2.60
C THR A 12 0.22 5.10 -3.61
N HIS A 13 -0.71 4.36 -4.22
CA HIS A 13 -1.62 4.93 -5.21
C HIS A 13 -3.06 4.79 -4.77
N LYS A 14 -3.46 3.56 -4.44
CA LYS A 14 -4.82 3.27 -4.00
C LYS A 14 -5.07 3.83 -2.61
N GLU A 15 -6.04 4.73 -2.50
CA GLU A 15 -6.38 5.35 -1.21
C GLU A 15 -7.52 4.59 -0.54
N VAL A 1 1.11 -3.33 10.07
CA VAL A 1 2.41 -3.92 9.73
C VAL A 1 2.30 -4.83 8.52
N ALA A 2 1.11 -5.37 8.29
CA ALA A 2 0.88 -6.26 7.17
C ALA A 2 0.22 -5.51 6.01
N ILE A 3 -0.83 -4.76 6.31
CA ILE A 3 -1.54 -3.98 5.29
C ILE A 3 -0.61 -3.00 4.60
N ALA A 4 0.43 -2.57 5.31
CA ALA A 4 1.40 -1.63 4.77
C ALA A 4 2.27 -2.29 3.70
N LEU A 5 1.72 -2.39 2.49
CA LEU A 5 2.44 -3.01 1.38
C LEU A 5 3.32 -1.98 0.66
N LYS A 6 4.63 -2.21 0.71
CA LYS A 6 5.57 -1.30 0.06
C LYS A 6 5.64 -1.55 -1.44
N ALA A 7 5.73 -2.82 -1.82
CA ALA A 7 5.80 -3.20 -3.22
C ALA A 7 4.41 -3.13 -3.87
N ALA A 8 3.39 -2.93 -3.04
CA ALA A 8 2.02 -2.84 -3.54
C ALA A 8 1.38 -1.51 -3.16
N HIS A 9 0.98 -0.75 -4.18
CA HIS A 9 0.35 0.55 -3.96
C HIS A 9 -1.15 0.40 -3.74
N TYR A 10 -1.56 0.27 -2.49
CA TYR A 10 -2.97 0.11 -2.16
C TYR A 10 -3.57 1.44 -1.69
N HIS A 11 -2.70 2.34 -1.24
CA HIS A 11 -3.14 3.65 -0.76
C HIS A 11 -2.41 4.77 -1.49
N THR A 12 -1.13 4.55 -1.78
CA THR A 12 -0.32 5.54 -2.48
C THR A 12 -0.83 5.76 -3.89
N HIS A 13 -1.13 4.68 -4.59
CA HIS A 13 -1.64 4.76 -5.96
C HIS A 13 -3.12 4.38 -6.02
N LYS A 14 -3.53 3.48 -5.13
CA LYS A 14 -4.92 3.04 -5.09
C LYS A 14 -5.73 3.91 -4.12
N GLU A 15 -6.76 4.57 -4.66
CA GLU A 15 -7.61 5.43 -3.85
C GLU A 15 -8.59 4.60 -3.03
N VAL A 1 -6.26 -0.83 7.03
CA VAL A 1 -5.16 -1.53 6.39
C VAL A 1 -3.85 -1.29 7.14
N ALA A 2 -3.19 -2.39 7.52
CA ALA A 2 -1.93 -2.30 8.24
C ALA A 2 -0.78 -2.84 7.40
N ILE A 3 -1.09 -3.81 6.54
CA ILE A 3 -0.08 -4.41 5.68
C ILE A 3 0.73 -3.34 4.95
N ALA A 4 2.06 -3.42 5.07
CA ALA A 4 2.94 -2.47 4.43
C ALA A 4 3.59 -3.07 3.19
N LEU A 5 2.87 -3.06 2.08
CA LEU A 5 3.37 -3.60 0.82
C LEU A 5 4.03 -2.52 -0.02
N LYS A 6 5.34 -2.67 -0.25
CA LYS A 6 6.08 -1.70 -1.04
C LYS A 6 5.87 -1.93 -2.53
N ALA A 7 5.95 -3.19 -2.94
CA ALA A 7 5.76 -3.55 -4.34
C ALA A 7 4.29 -3.50 -4.73
N ALA A 8 3.43 -3.29 -3.74
CA ALA A 8 2.00 -3.21 -3.98
C ALA A 8 1.43 -1.86 -3.54
N HIS A 9 0.84 -1.13 -4.48
CA HIS A 9 0.27 0.17 -4.19
C HIS A 9 -1.09 0.02 -3.50
N TYR A 10 -1.07 0.04 -2.17
CA TYR A 10 -2.30 -0.10 -1.39
C TYR A 10 -2.69 1.23 -0.76
N HIS A 11 -1.72 2.14 -0.65
CA HIS A 11 -1.97 3.45 -0.07
C HIS A 11 -1.53 4.57 -1.03
N THR A 12 -0.44 4.31 -1.75
CA THR A 12 0.08 5.29 -2.70
C THR A 12 -0.89 5.50 -3.86
N HIS A 13 -1.41 4.39 -4.40
CA HIS A 13 -2.34 4.45 -5.51
C HIS A 13 -3.78 4.35 -5.03
N LYS A 14 -4.02 3.42 -4.10
CA LYS A 14 -5.35 3.22 -3.55
C LYS A 14 -5.74 4.36 -2.62
N GLU A 15 -5.16 4.37 -1.43
CA GLU A 15 -5.45 5.43 -0.45
C GLU A 15 -4.73 6.71 -0.82
#